data_9KZS
#
_entry.id   9KZS
#
_cell.length_a   57.026
_cell.length_b   92.068
_cell.length_c   58.182
_cell.angle_alpha   90.00
_cell.angle_beta   100.17
_cell.angle_gamma   90.00
#
_symmetry.space_group_name_H-M   'P 1 21 1'
#
loop_
_entity.id
_entity.type
_entity.pdbx_description
1 polymer 'ORF1ab polyprotein'
2 polymer 'Replicase polyprotein 1a'
3 water water
#
loop_
_entity_poly.entity_id
_entity_poly.type
_entity_poly.pdbx_seq_one_letter_code
_entity_poly.pdbx_strand_id
1 'polypeptide(L)'
;MAGLRKMAQPSGVVEKCIVRVCYGNMALNGLWLGDTVMCPRHVIASSTTSTIDYDYALSVLRLHNFSISSGNVFLGVVGV
TMRGALLQIKVNQNNVHTPKYTYRTVRPGESFNILACYDGAAAGVYGVNMRSNYTIRGSFINGAAGSPGYNINNGTVEFC
YLHQLELGSGCHVGSDLDGVMYGGYEDQPTLQVEGASSLFTENVLAFLYAALINGSTWWLSSSRIAVDRFNEWAVHNGMT
TVVNTDCFSIFAAKTGVDVQRLLASIQSLHKNFGGKQILGYTSLTDEFTTGEVIRQMYGVLEHHHHHHHH
;
A,B
2 'polypeptide(L)' DRSIMQ C,D
#
# COMPACT_ATOMS: atom_id res chain seq x y z
N ALA A 2 11.08 6.82 -11.19
CA ALA A 2 10.94 5.46 -11.68
C ALA A 2 10.25 4.56 -10.66
N GLY A 3 9.70 3.46 -11.15
CA GLY A 3 9.03 2.50 -10.31
C GLY A 3 7.52 2.64 -10.37
N LEU A 4 6.84 1.56 -10.03
CA LEU A 4 5.39 1.58 -9.93
C LEU A 4 5.02 0.76 -8.72
N ARG A 5 4.23 1.35 -7.83
CA ARG A 5 3.71 0.64 -6.66
C ARG A 5 2.25 1.00 -6.48
N LYS A 6 1.47 -0.01 -6.15
CA LYS A 6 0.14 0.26 -5.63
C LYS A 6 0.28 1.01 -4.31
N MET A 7 -0.19 2.25 -4.27
CA MET A 7 -0.11 2.98 -3.03
C MET A 7 -1.45 3.53 -2.63
N ALA A 8 -1.50 3.98 -1.40
CA ALA A 8 -2.67 4.58 -0.81
C ALA A 8 -2.42 6.07 -0.66
N GLN A 9 -3.48 6.84 -0.73
CA GLN A 9 -3.40 8.22 -0.31
C GLN A 9 -3.28 8.28 1.22
N PRO A 10 -2.65 9.33 1.75
CA PRO A 10 -2.40 9.39 3.20
C PRO A 10 -3.71 9.34 3.97
N SER A 11 -3.69 8.62 5.09
CA SER A 11 -4.91 8.24 5.80
C SER A 11 -5.25 9.15 6.98
N GLY A 12 -4.42 10.16 7.29
CA GLY A 12 -4.60 10.91 8.52
C GLY A 12 -6.01 11.48 8.68
N VAL A 13 -6.53 12.11 7.62
CA VAL A 13 -7.83 12.77 7.71
C VAL A 13 -8.96 11.76 7.96
N VAL A 14 -8.80 10.51 7.54
CA VAL A 14 -9.82 9.49 7.78
C VAL A 14 -9.68 8.82 9.14
N GLU A 15 -8.44 8.73 9.65
CA GLU A 15 -8.22 8.03 10.93
C GLU A 15 -9.03 8.65 12.05
N LYS A 16 -9.21 9.97 12.03
CA LYS A 16 -9.94 10.69 13.07
C LYS A 16 -11.44 10.39 13.06
N CYS A 17 -11.93 9.64 12.08
CA CYS A 17 -13.37 9.38 11.94
C CYS A 17 -13.78 7.95 12.30
N ILE A 18 -12.83 7.08 12.66
CA ILE A 18 -13.13 5.70 12.95
C ILE A 18 -13.59 5.57 14.40
N VAL A 19 -14.68 4.85 14.61
CA VAL A 19 -15.14 4.55 15.96
C VAL A 19 -15.36 3.04 16.10
N ARG A 20 -15.38 2.60 17.35
CA ARG A 20 -15.70 1.22 17.69
C ARG A 20 -17.20 1.15 17.98
N VAL A 21 -17.90 0.21 17.32
CA VAL A 21 -19.35 0.02 17.51
C VAL A 21 -19.60 -1.40 18.01
N CYS A 22 -20.13 -1.54 19.23
CA CYS A 22 -20.42 -2.85 19.80
C CYS A 22 -21.88 -2.94 20.20
N TYR A 23 -22.45 -4.14 19.99
CA TYR A 23 -23.82 -4.43 20.40
C TYR A 23 -23.90 -5.91 20.72
N GLY A 24 -24.18 -6.24 21.98
CA GLY A 24 -24.22 -7.64 22.36
C GLY A 24 -22.87 -8.30 22.13
N ASN A 25 -22.91 -9.45 21.43
CA ASN A 25 -21.71 -10.23 21.14
C ASN A 25 -21.01 -9.80 19.85
N MET A 26 -21.50 -8.75 19.20
CA MET A 26 -20.94 -8.25 17.94
C MET A 26 -20.07 -7.01 18.18
N ALA A 27 -18.98 -6.93 17.43
CA ALA A 27 -18.10 -5.77 17.48
C ALA A 27 -17.62 -5.47 16.07
N LEU A 28 -17.72 -4.23 15.65
CA LEU A 28 -17.16 -3.83 14.37
C LEU A 28 -16.87 -2.34 14.41
N ASN A 29 -16.65 -1.75 13.24
CA ASN A 29 -16.21 -0.37 13.11
C ASN A 29 -17.32 0.49 12.54
N GLY A 30 -17.28 1.78 12.91
CA GLY A 30 -18.18 2.76 12.35
C GLY A 30 -17.40 3.98 11.90
N LEU A 31 -18.09 4.81 11.12
CA LEU A 31 -17.53 6.03 10.57
C LEU A 31 -18.32 7.20 11.18
N TRP A 32 -17.60 8.09 11.87
CA TRP A 32 -18.19 9.15 12.68
C TRP A 32 -17.98 10.47 11.95
N LEU A 33 -19.04 10.96 11.32
CA LEU A 33 -18.99 12.21 10.57
C LEU A 33 -20.08 13.12 11.12
N GLY A 34 -19.69 14.31 11.57
CA GLY A 34 -20.66 15.18 12.22
C GLY A 34 -21.20 14.50 13.48
N ASP A 35 -22.52 14.50 13.63
CA ASP A 35 -23.14 13.83 14.76
C ASP A 35 -23.77 12.49 14.38
N THR A 36 -23.22 11.81 13.37
CA THR A 36 -23.76 10.54 12.90
C THR A 36 -22.65 9.50 12.87
N VAL A 37 -22.99 8.26 13.22
CA VAL A 37 -22.10 7.10 13.05
C VAL A 37 -22.78 6.16 12.07
N MET A 38 -22.09 5.81 10.99
CA MET A 38 -22.55 4.80 10.03
C MET A 38 -21.79 3.52 10.24
N CYS A 39 -22.50 2.40 10.30
CA CYS A 39 -21.86 1.11 10.43
C CYS A 39 -22.74 0.07 9.76
N PRO A 40 -22.18 -1.08 9.40
CA PRO A 40 -23.00 -2.17 8.86
C PRO A 40 -24.12 -2.56 9.82
N ARG A 41 -25.28 -2.88 9.25
CA ARG A 41 -26.39 -3.20 10.13
C ARG A 41 -26.28 -4.57 10.77
N HIS A 42 -25.41 -5.46 10.28
CA HIS A 42 -25.34 -6.77 10.95
C HIS A 42 -24.72 -6.71 12.34
N VAL A 43 -24.33 -5.53 12.83
CA VAL A 43 -23.91 -5.44 14.22
C VAL A 43 -25.08 -5.71 15.17
N ILE A 44 -26.32 -5.50 14.74
CA ILE A 44 -27.47 -5.80 15.60
C ILE A 44 -28.09 -7.16 15.29
N ALA A 45 -27.40 -7.99 14.52
CA ALA A 45 -27.87 -9.34 14.29
C ALA A 45 -27.54 -10.22 15.49
N SER A 46 -28.45 -11.14 15.81
CA SER A 46 -28.29 -12.02 16.96
C SER A 46 -27.95 -13.46 16.57
N SER A 47 -27.85 -13.75 15.27
CA SER A 47 -27.47 -15.08 14.80
C SER A 47 -26.37 -14.92 13.75
N THR A 48 -25.76 -16.06 13.39
CA THR A 48 -24.72 -16.10 12.37
C THR A 48 -24.95 -17.17 11.31
N THR A 49 -26.07 -17.90 11.35
CA THR A 49 -26.33 -18.95 10.38
C THR A 49 -27.57 -18.64 9.54
N SER A 50 -28.73 -18.48 10.17
CA SER A 50 -29.97 -18.26 9.42
C SER A 50 -30.03 -16.83 8.88
N THR A 51 -31.10 -16.55 8.14
CA THR A 51 -31.28 -15.25 7.52
C THR A 51 -32.05 -14.33 8.47
N ILE A 52 -31.59 -13.08 8.53
CA ILE A 52 -31.94 -12.15 9.60
C ILE A 52 -33.03 -11.20 9.08
N ASP A 53 -34.07 -11.00 9.89
CA ASP A 53 -35.04 -9.92 9.66
C ASP A 53 -34.49 -8.69 10.36
N TYR A 54 -33.81 -7.82 9.60
CA TYR A 54 -33.20 -6.66 10.23
C TYR A 54 -34.25 -5.69 10.77
N ASP A 55 -35.40 -5.57 10.09
CA ASP A 55 -36.42 -4.67 10.62
C ASP A 55 -36.91 -5.14 11.97
N TYR A 56 -37.01 -6.45 12.15
CA TYR A 56 -37.36 -6.95 13.47
C TYR A 56 -36.24 -6.64 14.47
N ALA A 57 -34.99 -6.90 14.08
CA ALA A 57 -33.87 -6.63 14.98
C ALA A 57 -33.84 -5.16 15.40
N LEU A 58 -34.19 -4.26 14.48
CA LEU A 58 -34.24 -2.86 14.84
C LEU A 58 -35.41 -2.56 15.77
N SER A 59 -36.51 -3.31 15.66
CA SER A 59 -37.69 -2.97 16.46
C SER A 59 -37.49 -3.31 17.94
N VAL A 60 -36.64 -4.28 18.25
CA VAL A 60 -36.39 -4.75 19.61
C VAL A 60 -35.04 -4.28 20.13
N LEU A 61 -34.41 -3.34 19.44
CA LEU A 61 -33.14 -2.78 19.85
C LEU A 61 -33.27 -1.98 21.13
N ARG A 62 -32.33 -2.16 22.05
CA ARG A 62 -32.24 -1.31 23.23
C ARG A 62 -31.03 -0.40 23.08
N LEU A 63 -31.31 0.90 22.94
CA LEU A 63 -30.27 1.88 22.62
C LEU A 63 -29.10 1.83 23.60
N HIS A 64 -29.36 1.44 24.85
CA HIS A 64 -28.34 1.43 25.88
C HIS A 64 -27.43 0.22 25.81
N ASN A 65 -27.77 -0.79 25.01
CA ASN A 65 -26.92 -1.95 24.82
C ASN A 65 -25.78 -1.69 23.83
N PHE A 66 -25.78 -0.51 23.21
CA PHE A 66 -24.69 -0.07 22.36
C PHE A 66 -23.51 0.39 23.20
N SER A 67 -22.31 0.21 22.65
CA SER A 67 -21.14 0.92 23.14
C SER A 67 -20.45 1.46 21.90
N ILE A 68 -20.36 2.78 21.80
CA ILE A 68 -19.68 3.43 20.70
C ILE A 68 -18.58 4.28 21.27
N SER A 69 -17.34 4.05 20.83
CA SER A 69 -16.22 4.79 21.41
C SER A 69 -15.22 5.21 20.35
N SER A 70 -14.63 6.38 20.57
CA SER A 70 -13.53 6.92 19.79
C SER A 70 -12.35 7.01 20.75
N GLY A 71 -11.45 6.04 20.68
CA GLY A 71 -10.44 5.93 21.74
C GLY A 71 -11.13 5.57 23.05
N ASN A 72 -10.85 6.32 24.11
CA ASN A 72 -11.56 6.11 25.36
C ASN A 72 -12.66 7.15 25.57
N VAL A 73 -13.16 7.74 24.50
CA VAL A 73 -14.28 8.68 24.56
C VAL A 73 -15.53 7.95 24.10
N PHE A 74 -16.49 7.80 24.99
CA PHE A 74 -17.71 7.08 24.64
C PHE A 74 -18.78 8.05 24.16
N LEU A 75 -19.53 7.63 23.14
CA LEU A 75 -20.52 8.47 22.49
C LEU A 75 -21.91 7.96 22.86
N GLY A 76 -22.77 8.86 23.31
CA GLY A 76 -24.13 8.48 23.66
C GLY A 76 -25.00 8.39 22.41
N VAL A 77 -25.84 7.36 22.38
CA VAL A 77 -26.69 7.08 21.23
C VAL A 77 -28.03 7.80 21.39
N VAL A 78 -28.38 8.63 20.42
CA VAL A 78 -29.64 9.36 20.44
C VAL A 78 -30.74 8.61 19.69
N GLY A 79 -30.41 8.02 18.55
CA GLY A 79 -31.40 7.29 17.75
C GLY A 79 -30.70 6.47 16.68
N VAL A 80 -31.46 5.56 16.08
CA VAL A 80 -30.93 4.59 15.12
C VAL A 80 -31.97 4.36 14.03
N THR A 81 -31.58 4.59 12.77
CA THR A 81 -32.45 4.26 11.64
C THR A 81 -31.70 3.43 10.61
N MET A 82 -32.45 2.62 9.86
CA MET A 82 -31.86 1.83 8.79
C MET A 82 -31.56 2.70 7.57
N ARG A 83 -30.42 2.45 6.94
CA ARG A 83 -30.05 3.10 5.70
C ARG A 83 -29.55 1.99 4.80
N GLY A 84 -30.47 1.25 4.17
CA GLY A 84 -30.04 0.10 3.39
C GLY A 84 -29.35 -0.93 4.25
N ALA A 85 -28.12 -1.32 3.86
CA ALA A 85 -27.30 -2.27 4.60
C ALA A 85 -26.48 -1.62 5.73
N LEU A 86 -26.78 -0.37 6.05
CA LEU A 86 -26.13 0.38 7.11
C LEU A 86 -27.12 0.74 8.20
N LEU A 87 -26.59 0.97 9.41
CA LEU A 87 -27.28 1.75 10.42
C LEU A 87 -26.76 3.17 10.39
N GLN A 88 -27.67 4.13 10.51
CA GLN A 88 -27.34 5.54 10.66
C GLN A 88 -27.67 5.91 12.09
N ILE A 89 -26.63 6.05 12.92
CA ILE A 89 -26.77 6.19 14.36
C ILE A 89 -26.52 7.65 14.69
N LYS A 90 -27.54 8.32 15.22
CA LYS A 90 -27.32 9.69 15.68
C LYS A 90 -26.73 9.62 17.08
N VAL A 91 -25.64 10.35 17.31
CA VAL A 91 -24.98 10.34 18.60
C VAL A 91 -25.03 11.76 19.16
N ASN A 92 -24.68 11.89 20.44
CA ASN A 92 -24.90 13.15 21.14
C ASN A 92 -23.74 14.14 21.00
N GLN A 93 -22.70 13.79 20.23
CA GLN A 93 -21.52 14.63 20.06
C GLN A 93 -21.15 14.75 18.58
N ASN A 94 -20.81 15.96 18.16
CA ASN A 94 -20.26 16.18 16.83
C ASN A 94 -18.76 15.86 16.83
N ASN A 95 -18.30 15.20 15.77
CA ASN A 95 -16.87 14.96 15.59
C ASN A 95 -16.24 16.24 15.05
N VAL A 96 -15.47 16.95 15.90
CA VAL A 96 -14.89 18.23 15.45
C VAL A 96 -13.85 18.05 14.38
N HIS A 97 -13.24 16.88 14.29
CA HIS A 97 -12.25 16.64 13.26
C HIS A 97 -12.86 16.06 11.98
N THR A 98 -14.18 16.19 11.81
CA THR A 98 -14.83 15.75 10.59
C THR A 98 -14.25 16.49 9.39
N PRO A 99 -13.79 15.79 8.37
CA PRO A 99 -13.26 16.47 7.18
C PRO A 99 -14.39 16.96 6.28
N LYS A 100 -14.01 17.81 5.33
CA LYS A 100 -14.87 18.06 4.19
C LYS A 100 -15.05 16.75 3.43
N TYR A 101 -16.28 16.37 3.11
CA TYR A 101 -16.48 15.03 2.58
C TYR A 101 -17.67 14.97 1.63
N THR A 102 -17.64 13.97 0.75
CA THR A 102 -18.72 13.62 -0.15
C THR A 102 -18.90 12.11 -0.14
N TYR A 103 -20.03 11.64 -0.66
CA TYR A 103 -20.23 10.22 -0.95
C TYR A 103 -20.21 9.99 -2.45
N ARG A 104 -19.62 8.88 -2.90
CA ARG A 104 -19.78 8.50 -4.29
C ARG A 104 -19.69 6.98 -4.45
N THR A 105 -20.53 6.43 -5.33
CA THR A 105 -20.53 5.01 -5.63
C THR A 105 -19.56 4.74 -6.78
N VAL A 106 -18.59 3.86 -6.57
CA VAL A 106 -17.57 3.67 -7.59
C VAL A 106 -18.03 2.60 -8.58
N ARG A 107 -17.37 2.57 -9.72
CA ARG A 107 -17.69 1.67 -10.81
C ARG A 107 -16.55 0.67 -10.99
N PRO A 108 -16.84 -0.50 -11.55
CA PRO A 108 -15.77 -1.45 -11.86
C PRO A 108 -14.63 -0.80 -12.63
N GLY A 109 -13.40 -1.17 -12.27
CA GLY A 109 -12.22 -0.55 -12.81
C GLY A 109 -11.69 0.64 -12.04
N GLU A 110 -12.47 1.21 -11.12
CA GLU A 110 -12.04 2.38 -10.39
C GLU A 110 -11.23 2.00 -9.16
N SER A 111 -10.20 2.79 -8.87
CA SER A 111 -9.37 2.53 -7.69
C SER A 111 -9.81 3.40 -6.53
N PHE A 112 -9.59 2.87 -5.32
CA PHE A 112 -9.74 3.64 -4.10
C PHE A 112 -8.83 3.06 -3.02
N ASN A 113 -8.88 3.69 -1.85
CA ASN A 113 -8.08 3.32 -0.69
C ASN A 113 -8.93 2.64 0.36
N ILE A 114 -8.41 1.55 0.94
CA ILE A 114 -9.02 0.89 2.08
C ILE A 114 -8.23 1.24 3.34
N LEU A 115 -8.94 1.67 4.40
CA LEU A 115 -8.36 1.81 5.75
C LEU A 115 -8.89 0.64 6.57
N ALA A 116 -8.06 -0.39 6.73
CA ALA A 116 -8.49 -1.60 7.41
C ALA A 116 -8.46 -1.33 8.92
N CYS A 117 -9.61 -1.52 9.58
CA CYS A 117 -9.77 -1.13 10.98
C CYS A 117 -10.21 -2.33 11.83
N TYR A 118 -9.76 -2.33 13.09
CA TYR A 118 -10.18 -3.34 14.07
C TYR A 118 -10.33 -2.65 15.41
N ASP A 119 -11.39 -3.03 16.14
CA ASP A 119 -11.66 -2.45 17.46
C ASP A 119 -11.73 -0.93 17.41
N GLY A 120 -12.22 -0.38 16.29
CA GLY A 120 -12.36 1.05 16.16
C GLY A 120 -11.08 1.82 16.00
N ALA A 121 -10.00 1.17 15.56
CA ALA A 121 -8.71 1.82 15.36
C ALA A 121 -8.17 1.38 14.01
N ALA A 122 -7.64 2.33 13.24
CA ALA A 122 -7.05 1.97 11.95
C ALA A 122 -5.79 1.15 12.15
N ALA A 123 -5.67 0.08 11.36
CA ALA A 123 -4.54 -0.84 11.44
C ALA A 123 -3.66 -0.83 10.21
N GLY A 124 -4.23 -0.58 9.03
CA GLY A 124 -3.46 -0.67 7.81
C GLY A 124 -4.18 0.10 6.72
N VAL A 125 -3.43 0.49 5.70
CA VAL A 125 -4.03 1.20 4.56
C VAL A 125 -3.43 0.69 3.27
N TYR A 126 -4.28 0.38 2.29
CA TYR A 126 -3.78 -0.15 1.03
C TYR A 126 -4.75 0.20 -0.09
N GLY A 127 -4.25 0.21 -1.32
CA GLY A 127 -5.09 0.52 -2.47
C GLY A 127 -5.76 -0.72 -3.04
N VAL A 128 -6.98 -0.53 -3.56
CA VAL A 128 -7.74 -1.60 -4.18
C VAL A 128 -8.32 -1.09 -5.50
N ASN A 129 -8.89 -2.02 -6.27
CA ASN A 129 -9.56 -1.71 -7.52
C ASN A 129 -10.81 -2.59 -7.65
N MET A 130 -11.96 -1.94 -7.94
CA MET A 130 -13.25 -2.63 -7.97
C MET A 130 -13.29 -3.57 -9.18
N ARG A 131 -13.52 -4.86 -8.92
CA ARG A 131 -13.54 -5.83 -10.01
C ARG A 131 -14.87 -5.80 -10.76
N SER A 132 -14.89 -6.46 -11.92
CA SER A 132 -16.11 -6.46 -12.72
C SER A 132 -17.26 -7.15 -12.01
N ASN A 133 -16.97 -8.06 -11.08
CA ASN A 133 -18.00 -8.70 -10.27
C ASN A 133 -18.23 -7.98 -8.92
N TYR A 134 -17.79 -6.72 -8.81
CA TYR A 134 -18.09 -5.84 -7.69
C TYR A 134 -17.51 -6.37 -6.37
N THR A 135 -16.41 -7.10 -6.45
CA THR A 135 -15.62 -7.48 -5.29
C THR A 135 -14.24 -6.82 -5.36
N ILE A 136 -13.55 -6.80 -4.22
CA ILE A 136 -12.20 -6.28 -4.16
C ILE A 136 -11.26 -7.33 -3.57
N ARG A 137 -9.99 -7.18 -3.94
CA ARG A 137 -8.91 -8.06 -3.51
C ARG A 137 -8.35 -7.50 -2.21
N GLY A 138 -9.03 -7.82 -1.11
CA GLY A 138 -8.71 -7.21 0.15
C GLY A 138 -8.01 -8.17 1.09
N SER A 139 -7.74 -7.64 2.28
CA SER A 139 -7.19 -8.42 3.38
C SER A 139 -7.96 -7.95 4.60
N PHE A 140 -8.90 -8.79 5.02
CA PHE A 140 -9.81 -8.50 6.13
C PHE A 140 -10.06 -9.79 6.89
N ILE A 141 -10.11 -9.68 8.21
CA ILE A 141 -10.48 -10.86 9.04
C ILE A 141 -11.63 -10.42 9.96
N ASN A 142 -12.09 -11.31 10.85
CA ASN A 142 -13.28 -10.98 11.69
C ASN A 142 -13.03 -9.67 12.45
N GLY A 143 -14.01 -8.76 12.43
CA GLY A 143 -13.89 -7.47 13.12
C GLY A 143 -13.62 -6.33 12.16
N ALA A 144 -13.36 -6.63 10.89
CA ALA A 144 -12.99 -5.60 9.90
C ALA A 144 -14.23 -4.87 9.34
N ALA A 145 -15.43 -5.42 9.53
CA ALA A 145 -16.60 -4.78 8.93
C ALA A 145 -16.69 -3.33 9.39
N GLY A 146 -17.14 -2.45 8.48
CA GLY A 146 -17.18 -1.03 8.74
C GLY A 146 -15.91 -0.28 8.37
N SER A 147 -14.82 -0.97 8.01
CA SER A 147 -13.63 -0.31 7.49
C SER A 147 -14.00 0.50 6.25
N PRO A 148 -13.57 1.76 6.15
CA PRO A 148 -14.01 2.59 5.02
C PRO A 148 -13.06 2.56 3.83
N GLY A 149 -13.64 2.79 2.67
CA GLY A 149 -12.89 3.01 1.45
C GLY A 149 -13.12 4.45 1.02
N TYR A 150 -12.08 5.08 0.48
CA TYR A 150 -12.10 6.52 0.30
C TYR A 150 -11.15 6.89 -0.83
N ASN A 151 -11.38 8.07 -1.40
CA ASN A 151 -10.41 8.78 -2.23
C ASN A 151 -10.32 10.19 -1.67
N ILE A 152 -9.21 10.87 -1.94
CA ILE A 152 -9.05 12.26 -1.54
C ILE A 152 -8.76 13.11 -2.78
N ASN A 153 -9.59 14.12 -3.02
CA ASN A 153 -9.42 15.05 -4.14
C ASN A 153 -9.52 16.47 -3.62
N ASN A 154 -8.44 17.24 -3.76
CA ASN A 154 -8.39 18.65 -3.38
C ASN A 154 -8.83 18.86 -1.93
N GLY A 155 -8.38 17.98 -1.04
CA GLY A 155 -8.74 18.06 0.37
C GLY A 155 -10.11 17.54 0.75
N THR A 156 -10.96 17.18 -0.21
CA THR A 156 -12.26 16.59 0.11
C THR A 156 -12.17 15.07 0.09
N VAL A 157 -12.66 14.44 1.15
CA VAL A 157 -12.65 12.99 1.26
C VAL A 157 -13.91 12.47 0.59
N GLU A 158 -13.76 11.58 -0.37
CA GLU A 158 -14.90 10.98 -1.06
C GLU A 158 -15.00 9.54 -0.55
N PHE A 159 -16.01 9.26 0.26
CA PHE A 159 -16.22 7.94 0.84
C PHE A 159 -17.03 7.09 -0.14
N CYS A 160 -16.53 5.87 -0.44
CA CYS A 160 -17.17 5.02 -1.44
C CYS A 160 -17.45 3.61 -0.98
N TYR A 161 -17.09 3.24 0.24
CA TYR A 161 -17.12 1.83 0.64
C TYR A 161 -17.11 1.74 2.17
N LEU A 162 -17.97 0.88 2.71
CA LEU A 162 -17.83 0.35 4.08
C LEU A 162 -17.83 -1.16 4.01
N HIS A 163 -16.81 -1.77 4.58
CA HIS A 163 -16.66 -3.21 4.44
C HIS A 163 -17.78 -3.98 5.12
N GLN A 164 -18.24 -5.06 4.47
CA GLN A 164 -19.35 -5.85 5.02
C GLN A 164 -19.00 -7.32 5.21
N LEU A 165 -18.50 -7.99 4.16
CA LEU A 165 -18.49 -9.43 4.16
C LEU A 165 -17.46 -9.99 3.18
N GLU A 166 -17.14 -11.26 3.41
CA GLU A 166 -16.25 -12.07 2.59
C GLU A 166 -17.09 -13.12 1.90
N LEU A 167 -16.89 -13.29 0.60
CA LEU A 167 -17.59 -14.35 -0.09
C LEU A 167 -16.89 -15.69 0.14
N GLY A 168 -17.61 -16.77 -0.14
CA GLY A 168 -17.12 -18.12 0.14
C GLY A 168 -15.77 -18.43 -0.46
N SER A 169 -15.25 -17.58 -1.33
CA SER A 169 -13.94 -17.79 -1.93
C SER A 169 -12.87 -16.90 -1.34
N GLY A 170 -13.24 -15.82 -0.68
CA GLY A 170 -12.28 -14.87 -0.15
C GLY A 170 -12.31 -13.50 -0.81
N CYS A 171 -13.11 -13.33 -1.86
CA CYS A 171 -13.41 -12.00 -2.38
C CYS A 171 -14.09 -11.15 -1.29
N HIS A 172 -13.91 -9.84 -1.35
CA HIS A 172 -14.50 -8.97 -0.32
C HIS A 172 -15.55 -8.03 -0.91
N VAL A 173 -16.61 -7.81 -0.13
CA VAL A 173 -17.79 -7.08 -0.59
C VAL A 173 -18.14 -6.04 0.45
N GLY A 174 -18.46 -4.82 0.00
CA GLY A 174 -18.93 -3.78 0.89
C GLY A 174 -20.18 -3.11 0.36
N SER A 175 -20.63 -2.09 1.08
CA SER A 175 -21.71 -1.24 0.58
C SER A 175 -21.19 0.17 0.33
N ASP A 176 -21.92 0.92 -0.49
CA ASP A 176 -21.57 2.33 -0.55
C ASP A 176 -22.14 3.00 0.70
N LEU A 177 -21.91 4.30 0.82
CA LEU A 177 -22.36 5.00 2.02
C LEU A 177 -23.83 5.33 1.98
N ASP A 178 -24.51 5.13 0.84
CA ASP A 178 -25.97 5.17 0.82
C ASP A 178 -26.58 3.89 1.35
N GLY A 179 -25.77 2.87 1.61
CA GLY A 179 -26.28 1.59 2.13
C GLY A 179 -26.62 0.60 1.04
N VAL A 180 -26.19 0.89 -0.17
CA VAL A 180 -26.42 -0.02 -1.31
C VAL A 180 -25.21 -0.96 -1.45
N MET A 181 -25.46 -2.25 -1.31
CA MET A 181 -24.38 -3.26 -1.44
C MET A 181 -23.86 -3.29 -2.89
N TYR A 182 -22.54 -3.30 -3.03
CA TYR A 182 -21.94 -3.40 -4.38
C TYR A 182 -22.30 -4.76 -4.98
N GLY A 183 -22.62 -4.80 -6.26
CA GLY A 183 -22.92 -6.07 -6.95
C GLY A 183 -24.20 -6.72 -6.48
N GLY A 184 -24.99 -6.04 -5.64
CA GLY A 184 -26.29 -6.62 -5.24
C GLY A 184 -26.17 -7.82 -4.33
N TYR A 185 -24.96 -8.09 -3.82
CA TYR A 185 -24.82 -9.19 -2.84
C TYR A 185 -25.68 -8.87 -1.62
N GLU A 186 -26.10 -9.89 -0.91
CA GLU A 186 -26.91 -9.70 0.28
C GLU A 186 -26.03 -9.63 1.52
N ASP A 187 -26.41 -8.77 2.47
CA ASP A 187 -25.69 -8.75 3.75
C ASP A 187 -26.32 -9.78 4.71
N GLN A 188 -26.21 -11.03 4.27
CA GLN A 188 -26.73 -12.25 4.88
C GLN A 188 -25.65 -13.32 4.75
N PRO A 189 -25.60 -14.29 5.69
CA PRO A 189 -24.62 -15.38 5.62
C PRO A 189 -25.03 -16.53 4.70
N THR A 190 -25.42 -16.19 3.48
CA THR A 190 -26.01 -17.16 2.57
C THR A 190 -25.01 -17.66 1.53
N LEU A 191 -25.44 -18.69 0.81
CA LEU A 191 -24.74 -19.12 -0.41
C LEU A 191 -25.02 -18.11 -1.50
N GLN A 192 -24.01 -17.32 -1.84
CA GLN A 192 -24.00 -16.50 -3.03
C GLN A 192 -22.59 -16.58 -3.59
N VAL A 193 -22.49 -16.69 -4.90
CA VAL A 193 -21.20 -16.85 -5.57
C VAL A 193 -20.98 -15.66 -6.48
N GLU A 194 -19.80 -15.07 -6.39
CA GLU A 194 -19.43 -13.98 -7.28
C GLU A 194 -19.46 -14.43 -8.73
N GLY A 195 -19.78 -13.50 -9.61
CA GLY A 195 -19.64 -13.75 -11.03
C GLY A 195 -18.18 -13.88 -11.42
N ALA A 196 -17.96 -14.27 -12.67
CA ALA A 196 -16.61 -14.36 -13.19
C ALA A 196 -16.00 -12.97 -13.30
N SER A 197 -14.70 -12.89 -13.03
CA SER A 197 -13.99 -11.61 -13.03
C SER A 197 -13.20 -11.47 -14.34
N SER A 198 -13.57 -10.48 -15.15
CA SER A 198 -12.82 -10.16 -16.34
C SER A 198 -11.74 -9.12 -16.03
N LEU A 199 -10.59 -9.28 -16.66
CA LEU A 199 -9.55 -8.27 -16.54
C LEU A 199 -9.99 -6.99 -17.24
N PHE A 200 -9.82 -5.87 -16.56
CA PHE A 200 -10.21 -4.57 -17.07
C PHE A 200 -9.12 -4.09 -18.02
N THR A 201 -9.40 -4.08 -19.32
CA THR A 201 -8.34 -3.94 -20.32
C THR A 201 -7.71 -2.55 -20.29
N GLU A 202 -8.51 -1.51 -20.04
CA GLU A 202 -7.95 -0.16 -19.96
C GLU A 202 -6.89 -0.05 -18.87
N ASN A 203 -7.11 -0.76 -17.76
CA ASN A 203 -6.12 -0.75 -16.68
C ASN A 203 -4.87 -1.53 -17.08
N VAL A 204 -5.02 -2.67 -17.76
CA VAL A 204 -3.86 -3.44 -18.22
C VAL A 204 -2.99 -2.58 -19.14
N LEU A 205 -3.64 -1.80 -20.01
CA LEU A 205 -2.91 -0.89 -20.89
C LEU A 205 -2.13 0.15 -20.09
N ALA A 206 -2.76 0.74 -19.05
CA ALA A 206 -2.02 1.70 -18.22
C ALA A 206 -0.79 1.06 -17.61
N PHE A 207 -0.92 -0.18 -17.13
CA PHE A 207 0.23 -0.88 -16.56
C PHE A 207 1.33 -1.05 -17.59
N LEU A 208 0.95 -1.40 -18.83
CA LEU A 208 1.96 -1.60 -19.88
C LEU A 208 2.62 -0.28 -20.30
N TYR A 209 1.86 0.81 -20.32
CA TYR A 209 2.52 2.09 -20.58
C TYR A 209 3.47 2.46 -19.45
N ALA A 210 3.10 2.14 -18.20
CA ALA A 210 4.03 2.43 -17.11
C ALA A 210 5.29 1.57 -17.25
N ALA A 211 5.13 0.34 -17.72
CA ALA A 211 6.29 -0.52 -17.95
C ALA A 211 7.22 0.10 -19.00
N LEU A 212 6.67 0.59 -20.11
CA LEU A 212 7.49 1.22 -21.14
C LEU A 212 8.23 2.43 -20.60
N ILE A 213 7.52 3.28 -19.84
CA ILE A 213 8.15 4.46 -19.26
C ILE A 213 9.29 4.08 -18.33
N ASN A 214 9.18 2.94 -17.65
CA ASN A 214 10.23 2.45 -16.75
C ASN A 214 11.25 1.57 -17.47
N GLY A 215 11.23 1.55 -18.79
CA GLY A 215 12.27 0.84 -19.52
C GLY A 215 12.05 -0.64 -19.74
N SER A 216 10.85 -1.17 -19.47
CA SER A 216 10.52 -2.55 -19.77
C SER A 216 9.90 -2.61 -21.16
N THR A 217 10.63 -3.18 -22.13
CA THR A 217 10.18 -3.21 -23.52
C THR A 217 10.32 -4.56 -24.20
N TRP A 218 10.81 -5.59 -23.50
CA TRP A 218 11.05 -6.89 -24.12
C TRP A 218 9.78 -7.52 -24.68
N TRP A 219 8.64 -7.24 -24.05
CA TRP A 219 7.35 -7.81 -24.44
C TRP A 219 6.70 -7.06 -25.59
N LEU A 220 7.23 -5.91 -25.97
CA LEU A 220 6.69 -5.10 -27.06
C LEU A 220 7.25 -5.58 -28.39
N SER A 221 6.42 -5.50 -29.43
CA SER A 221 6.85 -5.80 -30.78
C SER A 221 6.22 -4.79 -31.73
N SER A 222 6.55 -4.95 -33.01
CA SER A 222 5.91 -4.17 -34.08
C SER A 222 4.53 -4.71 -34.43
N SER A 223 4.25 -5.97 -34.10
CA SER A 223 2.94 -6.56 -34.37
C SER A 223 1.84 -5.68 -33.79
N ARG A 224 0.67 -5.76 -34.40
CA ARG A 224 -0.37 -4.78 -34.16
C ARG A 224 -1.73 -5.41 -34.37
N ILE A 225 -2.73 -4.93 -33.63
CA ILE A 225 -4.09 -5.44 -33.74
C ILE A 225 -5.07 -4.29 -33.53
N ALA A 226 -6.12 -4.29 -34.33
CA ALA A 226 -7.10 -3.20 -34.23
C ALA A 226 -8.04 -3.45 -33.05
N VAL A 227 -8.63 -2.35 -32.57
CA VAL A 227 -9.57 -2.42 -31.45
C VAL A 227 -10.62 -3.49 -31.69
N ASP A 228 -11.19 -3.52 -32.91
CA ASP A 228 -12.31 -4.42 -33.17
C ASP A 228 -11.86 -5.88 -33.12
N ARG A 229 -10.71 -6.19 -33.73
CA ARG A 229 -10.20 -7.56 -33.68
C ARG A 229 -9.83 -7.97 -32.27
N PHE A 230 -9.37 -7.01 -31.44
CA PHE A 230 -9.05 -7.32 -30.05
C PHE A 230 -10.32 -7.62 -29.26
N ASN A 231 -11.33 -6.78 -29.39
CA ASN A 231 -12.61 -6.97 -28.66
C ASN A 231 -13.26 -8.35 -28.92
N GLU A 232 -13.06 -8.92 -30.11
CA GLU A 232 -13.61 -10.27 -30.39
C GLU A 232 -12.83 -11.34 -29.60
N TRP A 233 -11.52 -11.18 -29.47
CA TRP A 233 -10.70 -12.13 -28.71
C TRP A 233 -10.98 -11.97 -27.21
N ALA A 234 -11.14 -10.74 -26.77
CA ALA A 234 -11.35 -10.45 -25.33
C ALA A 234 -12.50 -11.26 -24.71
N VAL A 235 -13.66 -11.26 -25.35
CA VAL A 235 -14.88 -11.90 -24.77
C VAL A 235 -14.72 -13.43 -24.62
N HIS A 236 -13.69 -14.01 -25.20
CA HIS A 236 -13.45 -15.46 -25.12
C HIS A 236 -12.21 -15.69 -24.26
N ASN A 237 -11.63 -14.63 -23.73
CA ASN A 237 -10.33 -14.78 -23.01
C ASN A 237 -10.35 -13.98 -21.70
N GLY A 238 -11.51 -13.76 -21.10
CA GLY A 238 -11.60 -13.14 -19.76
C GLY A 238 -11.06 -11.74 -19.68
N MET A 239 -11.28 -10.94 -20.71
CA MET A 239 -10.86 -9.53 -20.61
C MET A 239 -11.99 -8.64 -21.14
N THR A 240 -11.99 -7.39 -20.71
CA THR A 240 -13.04 -6.45 -21.13
C THR A 240 -12.73 -5.90 -22.49
N THR A 241 -13.74 -5.30 -23.09
CA THR A 241 -13.57 -4.67 -24.41
C THR A 241 -13.08 -3.28 -24.21
N VAL A 242 -12.30 -2.77 -25.16
CA VAL A 242 -11.88 -1.34 -25.09
C VAL A 242 -12.79 -0.57 -26.05
N VAL A 243 -13.27 0.59 -25.63
CA VAL A 243 -14.26 1.34 -26.46
C VAL A 243 -13.67 2.72 -26.78
N ASN A 244 -13.13 3.40 -25.77
CA ASN A 244 -12.47 4.71 -26.03
C ASN A 244 -10.98 4.60 -25.71
N THR A 245 -10.12 5.02 -26.65
CA THR A 245 -8.67 4.94 -26.46
C THR A 245 -8.12 6.33 -26.28
N ASP A 246 -9.00 7.29 -26.00
CA ASP A 246 -8.58 8.70 -25.92
C ASP A 246 -7.73 8.97 -24.69
N CYS A 247 -8.04 8.30 -23.59
CA CYS A 247 -7.28 8.46 -22.35
C CYS A 247 -5.82 8.03 -22.50
N PHE A 248 -5.47 7.33 -23.57
CA PHE A 248 -4.11 6.87 -23.80
C PHE A 248 -3.35 7.76 -24.76
N SER A 249 -3.94 8.90 -25.17
CA SER A 249 -3.28 9.78 -26.13
C SER A 249 -1.95 10.28 -25.58
N ILE A 250 -1.94 10.80 -24.37
CA ILE A 250 -0.70 11.41 -23.90
C ILE A 250 0.31 10.33 -23.57
N PHE A 251 -0.14 9.12 -23.22
CA PHE A 251 0.79 8.02 -23.04
C PHE A 251 1.47 7.66 -24.35
N ALA A 252 0.69 7.48 -25.41
CA ALA A 252 1.27 7.18 -26.71
C ALA A 252 2.22 8.29 -27.16
N ALA A 253 1.97 9.53 -26.71
CA ALA A 253 2.83 10.64 -27.12
C ALA A 253 4.14 10.70 -26.34
N LYS A 254 4.16 10.30 -25.07
CA LYS A 254 5.44 10.33 -24.37
C LYS A 254 6.27 9.06 -24.60
N THR A 255 5.65 7.98 -25.09
CA THR A 255 6.38 6.76 -25.36
C THR A 255 6.55 6.45 -26.84
N GLY A 256 5.74 7.04 -27.71
CA GLY A 256 5.76 6.70 -29.13
C GLY A 256 5.10 5.40 -29.50
N VAL A 257 4.43 4.73 -28.55
CA VAL A 257 3.83 3.42 -28.78
C VAL A 257 2.32 3.58 -28.74
N ASP A 258 1.64 3.19 -29.83
CA ASP A 258 0.20 3.37 -29.80
C ASP A 258 -0.48 2.11 -29.26
N VAL A 259 -1.74 2.30 -28.86
CA VAL A 259 -2.51 1.27 -28.18
C VAL A 259 -2.48 -0.05 -28.94
N GLN A 260 -2.67 0.02 -30.26
CA GLN A 260 -2.80 -1.20 -31.06
C GLN A 260 -1.61 -2.13 -30.87
N ARG A 261 -0.42 -1.58 -30.64
CA ARG A 261 0.73 -2.42 -30.39
C ARG A 261 0.64 -3.09 -29.03
N LEU A 262 0.19 -2.34 -28.02
CA LEU A 262 0.00 -2.90 -26.69
C LEU A 262 -1.09 -3.97 -26.69
N LEU A 263 -2.18 -3.74 -27.44
CA LEU A 263 -3.24 -4.73 -27.52
C LEU A 263 -2.72 -6.05 -28.06
N ALA A 264 -1.82 -5.99 -29.04
CA ALA A 264 -1.22 -7.22 -29.56
C ALA A 264 -0.27 -7.85 -28.53
N SER A 265 0.45 -7.03 -27.77
CA SER A 265 1.30 -7.59 -26.70
C SER A 265 0.45 -8.31 -25.66
N ILE A 266 -0.70 -7.74 -25.31
CA ILE A 266 -1.57 -8.35 -24.31
C ILE A 266 -1.96 -9.77 -24.71
N GLN A 267 -2.27 -9.99 -25.99
CA GLN A 267 -2.65 -11.31 -26.45
C GLN A 267 -1.55 -12.33 -26.21
N SER A 268 -0.30 -11.96 -26.47
CA SER A 268 0.82 -12.87 -26.23
C SER A 268 1.01 -13.09 -24.73
N LEU A 269 0.89 -12.02 -23.95
CA LEU A 269 1.18 -12.08 -22.52
C LEU A 269 0.05 -12.72 -21.71
N HIS A 270 -1.16 -12.77 -22.25
CA HIS A 270 -2.29 -13.25 -21.46
C HIS A 270 -2.07 -14.68 -21.00
N LYS A 271 -1.30 -15.46 -21.75
CA LYS A 271 -1.03 -16.85 -21.40
C LYS A 271 0.01 -16.92 -20.30
N ASN A 272 1.19 -16.35 -20.54
CA ASN A 272 2.30 -16.36 -19.61
C ASN A 272 3.36 -15.39 -20.11
N PHE A 273 4.28 -15.03 -19.21
CA PHE A 273 5.40 -14.17 -19.55
C PHE A 273 6.62 -14.99 -19.96
N GLY A 274 6.50 -16.32 -20.03
CA GLY A 274 7.62 -17.15 -20.45
C GLY A 274 8.80 -17.15 -19.50
N GLY A 275 8.54 -17.08 -18.18
CA GLY A 275 9.59 -17.04 -17.19
C GLY A 275 10.15 -15.67 -16.91
N LYS A 276 9.69 -14.64 -17.60
CA LYS A 276 10.21 -13.30 -17.47
C LYS A 276 9.23 -12.47 -16.62
N GLN A 277 9.56 -11.21 -16.39
CA GLN A 277 8.74 -10.38 -15.53
C GLN A 277 8.59 -8.97 -16.12
N ILE A 278 7.49 -8.32 -15.75
CA ILE A 278 7.24 -6.92 -16.09
C ILE A 278 7.03 -6.17 -14.78
N LEU A 279 8.02 -5.35 -14.40
CA LEU A 279 7.93 -4.58 -13.14
C LEU A 279 7.63 -5.51 -11.96
N GLY A 280 8.25 -6.70 -11.98
CA GLY A 280 8.07 -7.69 -10.93
C GLY A 280 6.92 -8.65 -11.13
N TYR A 281 5.98 -8.33 -12.01
CA TYR A 281 4.81 -9.16 -12.22
C TYR A 281 5.13 -10.27 -13.22
N THR A 282 4.50 -11.42 -13.00
CA THR A 282 4.54 -12.57 -13.89
C THR A 282 3.19 -12.88 -14.52
N SER A 283 2.18 -12.06 -14.23
CA SER A 283 0.86 -12.12 -14.86
C SER A 283 0.43 -10.68 -15.11
N LEU A 284 -0.47 -10.49 -16.07
CA LEU A 284 -1.03 -9.18 -16.31
C LEU A 284 -1.81 -8.72 -15.08
N THR A 285 -1.75 -7.41 -14.79
CA THR A 285 -2.52 -6.85 -13.68
C THR A 285 -3.41 -5.72 -14.18
N ASP A 286 -4.61 -5.64 -13.62
CA ASP A 286 -5.54 -4.57 -13.94
C ASP A 286 -5.86 -3.71 -12.72
N GLU A 287 -4.94 -3.68 -11.75
CA GLU A 287 -5.17 -2.92 -10.52
C GLU A 287 -4.81 -1.44 -10.65
N PHE A 288 -4.16 -1.02 -11.74
CA PHE A 288 -3.69 0.35 -11.91
C PHE A 288 -4.50 1.06 -12.99
N THR A 289 -5.00 2.24 -12.66
CA THR A 289 -5.74 3.06 -13.60
C THR A 289 -4.79 4.02 -14.31
N THR A 290 -5.27 4.58 -15.42
CA THR A 290 -4.44 5.57 -16.10
C THR A 290 -4.13 6.74 -15.18
N GLY A 291 -5.08 7.08 -14.30
CA GLY A 291 -4.88 8.20 -13.41
C GLY A 291 -3.78 7.96 -12.39
N GLU A 292 -3.77 6.78 -11.76
CA GLU A 292 -2.69 6.43 -10.84
C GLU A 292 -1.35 6.44 -11.56
N VAL A 293 -1.29 5.85 -12.75
CA VAL A 293 -0.03 5.77 -13.48
C VAL A 293 0.48 7.17 -13.80
N ILE A 294 -0.42 8.06 -14.25
CA ILE A 294 -0.06 9.43 -14.60
C ILE A 294 0.58 10.14 -13.41
N ARG A 295 -0.05 10.03 -12.24
CA ARG A 295 0.47 10.70 -11.05
C ARG A 295 1.83 10.13 -10.64
N GLN A 296 1.97 8.80 -10.67
CA GLN A 296 3.25 8.22 -10.24
C GLN A 296 4.37 8.50 -11.23
N MET A 297 4.03 8.58 -12.52
CA MET A 297 5.06 8.73 -13.54
C MET A 297 5.52 10.17 -13.65
N TYR A 298 4.62 11.13 -13.39
CA TYR A 298 4.86 12.53 -13.70
C TYR A 298 4.37 13.52 -12.65
N GLY A 299 3.66 13.09 -11.61
CA GLY A 299 3.19 13.99 -10.58
C GLY A 299 1.91 14.75 -10.88
N VAL A 300 1.37 14.66 -12.09
CA VAL A 300 0.22 15.49 -12.48
C VAL A 300 -1.11 14.91 -11.97
N ALA B 2 -9.69 -13.58 5.43
CA ALA B 2 -8.83 -14.19 4.42
C ALA B 2 -8.18 -13.10 3.59
N GLY B 3 -7.10 -13.46 2.91
CA GLY B 3 -6.45 -12.51 2.04
C GLY B 3 -5.04 -12.16 2.51
N LEU B 4 -4.24 -11.60 1.60
CA LEU B 4 -2.93 -11.09 1.95
C LEU B 4 -2.63 -9.91 1.04
N ARG B 5 -2.35 -8.75 1.64
CA ARG B 5 -2.01 -7.55 0.88
C ARG B 5 -0.84 -6.85 1.56
N LYS B 6 0.05 -6.30 0.74
CA LYS B 6 1.11 -5.45 1.27
C LYS B 6 0.48 -4.13 1.66
N MET B 7 0.48 -3.81 2.94
CA MET B 7 -0.18 -2.60 3.35
C MET B 7 0.76 -1.74 4.18
N ALA B 8 0.36 -0.49 4.35
CA ALA B 8 1.09 0.46 5.16
C ALA B 8 0.36 0.65 6.48
N GLN B 9 1.14 0.92 7.53
CA GLN B 9 0.52 1.36 8.77
C GLN B 9 0.01 2.79 8.59
N PRO B 10 -0.99 3.18 9.35
CA PRO B 10 -1.66 4.46 9.09
C PRO B 10 -0.68 5.60 9.28
N SER B 11 -0.81 6.62 8.43
CA SER B 11 0.23 7.63 8.26
C SER B 11 -0.07 8.92 9.02
N GLY B 12 -1.22 9.01 9.72
CA GLY B 12 -1.62 10.29 10.31
C GLY B 12 -0.56 10.91 11.20
N VAL B 13 0.05 10.11 12.08
CA VAL B 13 1.00 10.68 13.04
C VAL B 13 2.25 11.23 12.35
N VAL B 14 2.59 10.71 11.17
CA VAL B 14 3.77 11.21 10.45
C VAL B 14 3.45 12.39 9.53
N GLU B 15 2.21 12.49 9.05
CA GLU B 15 1.85 13.51 8.07
C GLU B 15 2.11 14.92 8.60
N LYS B 16 1.89 15.14 9.90
CA LYS B 16 2.04 16.45 10.51
C LYS B 16 3.50 16.85 10.73
N CYS B 17 4.44 16.01 10.32
CA CYS B 17 5.85 16.27 10.53
C CYS B 17 6.60 16.59 9.25
N ILE B 18 5.92 16.64 8.12
CA ILE B 18 6.56 16.92 6.84
C ILE B 18 6.63 18.42 6.64
N VAL B 19 7.79 18.91 6.20
CA VAL B 19 7.95 20.30 5.79
C VAL B 19 8.62 20.34 4.42
N ARG B 20 8.49 21.49 3.76
CA ARG B 20 9.17 21.78 2.50
C ARG B 20 10.45 22.53 2.82
N VAL B 21 11.57 22.10 2.26
CA VAL B 21 12.86 22.71 2.53
C VAL B 21 13.44 23.15 1.20
N CYS B 22 13.58 24.47 1.02
CA CYS B 22 14.11 25.05 -0.20
C CYS B 22 15.42 25.78 0.10
N TYR B 23 16.38 25.63 -0.81
CA TYR B 23 17.63 26.38 -0.75
C TYR B 23 18.10 26.59 -2.18
N GLY B 24 18.33 27.85 -2.54
CA GLY B 24 18.75 28.15 -3.90
C GLY B 24 17.71 27.66 -4.87
N ASN B 25 18.15 26.95 -5.90
CA ASN B 25 17.24 26.37 -6.87
C ASN B 25 16.79 24.96 -6.51
N MET B 26 17.05 24.51 -5.28
CA MET B 26 16.75 23.13 -4.91
C MET B 26 15.61 23.12 -3.90
N ALA B 27 14.74 22.11 -4.03
CA ALA B 27 13.64 21.96 -3.09
C ALA B 27 13.39 20.47 -2.88
N LEU B 28 13.22 20.09 -1.62
CA LEU B 28 12.90 18.72 -1.26
C LEU B 28 12.12 18.75 0.04
N ASN B 29 12.01 17.60 0.70
CA ASN B 29 11.22 17.47 1.91
C ASN B 29 12.10 17.35 3.15
N GLY B 30 11.54 17.79 4.28
CA GLY B 30 12.20 17.63 5.56
C GLY B 30 11.24 17.03 6.58
N LEU B 31 11.82 16.54 7.66
CA LEU B 31 11.10 15.91 8.75
C LEU B 31 11.29 16.78 9.99
N TRP B 32 10.18 17.36 10.46
CA TRP B 32 10.19 18.36 11.54
C TRP B 32 9.77 17.69 12.83
N LEU B 33 10.73 17.47 13.74
CA LEU B 33 10.47 16.89 15.05
C LEU B 33 11.02 17.85 16.11
N GLY B 34 10.18 18.24 17.06
CA GLY B 34 10.66 19.21 18.04
C GLY B 34 11.04 20.51 17.35
N ASP B 35 12.23 21.03 17.68
CA ASP B 35 12.68 22.26 17.04
C ASP B 35 13.77 21.99 16.00
N THR B 36 13.78 20.79 15.41
CA THR B 36 14.78 20.42 14.41
C THR B 36 14.07 19.93 13.15
N VAL B 37 14.63 20.30 11.99
CA VAL B 37 14.21 19.75 10.70
C VAL B 37 15.39 18.97 10.14
N MET B 38 15.15 17.70 9.79
CA MET B 38 16.17 16.82 9.22
C MET B 38 15.90 16.70 7.73
N CYS B 39 16.94 16.85 6.90
CA CYS B 39 16.69 16.72 5.47
C CYS B 39 17.99 16.32 4.78
N PRO B 40 17.90 15.79 3.55
CA PRO B 40 19.14 15.40 2.85
C PRO B 40 20.01 16.62 2.54
N ARG B 41 21.33 16.44 2.66
CA ARG B 41 22.21 17.60 2.50
C ARG B 41 22.38 18.02 1.05
N HIS B 42 21.92 17.21 0.08
CA HIS B 42 22.04 17.63 -1.31
C HIS B 42 21.22 18.88 -1.60
N VAL B 43 20.37 19.32 -0.66
CA VAL B 43 19.59 20.54 -0.88
C VAL B 43 20.49 21.77 -0.95
N ILE B 44 21.69 21.72 -0.36
CA ILE B 44 22.59 22.87 -0.40
C ILE B 44 23.64 22.74 -1.48
N ALA B 45 23.61 21.67 -2.26
CA ALA B 45 24.58 21.49 -3.33
C ALA B 45 24.32 22.50 -4.45
N SER B 46 25.39 23.13 -4.93
CA SER B 46 25.28 24.08 -6.04
C SER B 46 25.95 23.46 -7.25
N SER B 47 25.30 22.43 -7.78
CA SER B 47 25.82 21.63 -8.87
C SER B 47 24.70 20.74 -9.37
N THR B 48 24.98 20.04 -10.46
CA THR B 48 24.07 19.01 -10.94
C THR B 48 24.81 17.88 -11.67
N THR B 49 26.13 17.96 -11.82
CA THR B 49 26.91 16.95 -12.52
C THR B 49 28.21 16.65 -11.79
N SER B 50 29.00 17.70 -11.50
CA SER B 50 30.31 17.54 -10.86
C SER B 50 30.15 16.94 -9.46
N THR B 51 31.27 16.56 -8.86
CA THR B 51 31.23 15.91 -7.56
C THR B 51 31.34 16.96 -6.46
N ILE B 52 30.57 16.77 -5.39
CA ILE B 52 30.18 17.83 -4.48
C ILE B 52 31.03 17.74 -3.22
N ASP B 53 31.58 18.88 -2.80
CA ASP B 53 32.23 19.02 -1.49
C ASP B 53 31.21 19.65 -0.56
N TYR B 54 30.55 18.81 0.25
CA TYR B 54 29.47 19.32 1.08
C TYR B 54 29.96 20.21 2.21
N ASP B 55 31.19 19.97 2.69
CA ASP B 55 31.76 20.84 3.71
C ASP B 55 31.97 22.25 3.17
N TYR B 56 32.40 22.36 1.92
CA TYR B 56 32.52 23.68 1.30
C TYR B 56 31.15 24.32 1.16
N ALA B 57 30.17 23.55 0.65
CA ALA B 57 28.83 24.08 0.48
C ALA B 57 28.28 24.60 1.80
N LEU B 58 28.55 23.88 2.89
CA LEU B 58 28.07 24.34 4.19
C LEU B 58 28.83 25.58 4.65
N SER B 59 30.12 25.68 4.31
CA SER B 59 30.92 26.84 4.72
C SER B 59 30.46 28.13 4.05
N VAL B 60 29.88 28.03 2.85
CA VAL B 60 29.43 29.21 2.11
C VAL B 60 27.94 29.45 2.28
N LEU B 61 27.27 28.65 3.09
CA LEU B 61 25.82 28.74 3.23
C LEU B 61 25.44 29.98 4.02
N ARG B 62 24.28 30.54 3.68
CA ARG B 62 23.70 31.64 4.44
C ARG B 62 22.32 31.24 4.91
N LEU B 63 22.10 31.34 6.22
CA LEU B 63 20.87 30.83 6.82
C LEU B 63 19.62 31.49 6.22
N HIS B 64 19.71 32.78 5.85
CA HIS B 64 18.52 33.46 5.34
C HIS B 64 18.13 32.99 3.94
N ASN B 65 18.92 32.12 3.31
CA ASN B 65 18.56 31.57 2.01
C ASN B 65 17.69 30.31 2.10
N PHE B 66 17.51 29.76 3.29
CA PHE B 66 16.55 28.67 3.47
C PHE B 66 15.13 29.23 3.48
N SER B 67 14.23 28.49 2.85
CA SER B 67 12.79 28.70 3.01
C SER B 67 12.25 27.36 3.47
N ILE B 68 11.83 27.27 4.73
CA ILE B 68 11.25 26.05 5.28
C ILE B 68 9.82 26.35 5.69
N SER B 69 8.88 25.54 5.19
CA SER B 69 7.47 25.81 5.48
C SER B 69 6.72 24.53 5.80
N SER B 70 5.73 24.67 6.70
CA SER B 70 4.74 23.66 7.04
C SER B 70 3.41 24.18 6.49
N GLY B 71 3.02 23.68 5.33
CA GLY B 71 1.92 24.32 4.63
C GLY B 71 2.32 25.73 4.29
N ASN B 72 1.54 26.70 4.75
CA ASN B 72 1.80 28.10 4.45
C ASN B 72 2.41 28.84 5.65
N VAL B 73 2.88 28.09 6.66
CA VAL B 73 3.55 28.65 7.83
C VAL B 73 5.06 28.51 7.64
N PHE B 74 5.79 29.62 7.73
CA PHE B 74 7.22 29.59 7.49
C PHE B 74 8.01 29.52 8.79
N LEU B 75 9.07 28.71 8.78
CA LEU B 75 9.86 28.45 9.97
C LEU B 75 11.19 29.19 9.87
N GLY B 76 11.58 29.91 10.93
CA GLY B 76 12.84 30.61 10.92
C GLY B 76 13.98 29.66 11.26
N VAL B 77 15.09 29.81 10.52
CA VAL B 77 16.24 28.92 10.66
C VAL B 77 17.24 29.55 11.64
N VAL B 78 17.67 28.77 12.63
CA VAL B 78 18.54 29.25 13.70
C VAL B 78 19.97 28.74 13.50
N GLY B 79 20.10 27.56 12.92
CA GLY B 79 21.43 26.99 12.74
C GLY B 79 21.34 25.71 11.92
N VAL B 80 22.50 25.31 11.41
CA VAL B 80 22.62 24.10 10.58
C VAL B 80 23.84 23.32 11.06
N THR B 81 23.70 22.00 11.13
CA THR B 81 24.82 21.13 11.39
C THR B 81 24.76 19.94 10.44
N MET B 82 25.93 19.47 10.03
CA MET B 82 26.05 18.31 9.17
C MET B 82 25.85 17.05 9.99
N ARG B 83 25.03 16.13 9.49
CA ARG B 83 24.84 14.84 10.16
C ARG B 83 24.93 13.76 9.09
N GLY B 84 26.17 13.32 8.78
CA GLY B 84 26.35 12.40 7.67
C GLY B 84 25.75 12.96 6.39
N ALA B 85 24.87 12.17 5.75
CA ALA B 85 24.22 12.58 4.50
C ALA B 85 22.98 13.45 4.74
N LEU B 86 22.78 13.92 5.97
CA LEU B 86 21.67 14.79 6.33
C LEU B 86 22.18 16.14 6.83
N LEU B 87 21.28 17.10 6.78
CA LEU B 87 21.40 18.34 7.55
C LEU B 87 20.45 18.31 8.73
N GLN B 88 20.94 18.77 9.88
CA GLN B 88 20.12 19.00 11.05
C GLN B 88 19.93 20.52 11.14
N ILE B 89 18.72 20.97 10.84
CA ILE B 89 18.41 22.39 10.77
C ILE B 89 17.60 22.76 12.00
N LYS B 90 18.19 23.59 12.86
CA LYS B 90 17.50 24.06 14.05
C LYS B 90 16.58 25.21 13.68
N VAL B 91 15.32 25.15 14.08
CA VAL B 91 14.35 26.16 13.70
C VAL B 91 13.77 26.82 14.96
N ASN B 92 13.14 27.97 14.76
CA ASN B 92 12.68 28.76 15.89
C ASN B 92 11.31 28.36 16.42
N GLN B 93 10.69 27.31 15.86
CA GLN B 93 9.38 26.84 16.30
C GLN B 93 9.41 25.35 16.60
N ASN B 94 8.80 24.96 17.73
CA ASN B 94 8.63 23.56 18.08
C ASN B 94 7.40 22.98 17.38
N ASN B 95 7.52 21.77 16.83
CA ASN B 95 6.38 21.09 16.21
C ASN B 95 5.48 20.52 17.30
N VAL B 96 4.33 21.16 17.53
CA VAL B 96 3.43 20.69 18.59
C VAL B 96 2.88 19.30 18.30
N HIS B 97 2.89 18.88 17.05
CA HIS B 97 2.41 17.55 16.67
C HIS B 97 3.51 16.49 16.63
N THR B 98 4.67 16.76 17.22
CA THR B 98 5.73 15.77 17.30
C THR B 98 5.28 14.53 18.06
N PRO B 99 5.32 13.35 17.45
CA PRO B 99 4.99 12.12 18.18
C PRO B 99 6.16 11.67 19.05
N LYS B 100 5.85 10.75 19.96
CA LYS B 100 6.90 9.99 20.59
C LYS B 100 7.62 9.23 19.49
N TYR B 101 8.96 9.31 19.47
CA TYR B 101 9.66 8.71 18.34
C TYR B 101 11.03 8.20 18.76
N THR B 102 11.53 7.26 17.96
CA THR B 102 12.90 6.76 18.05
C THR B 102 13.46 6.68 16.65
N TYR B 103 14.78 6.46 16.58
CA TYR B 103 15.48 6.13 15.35
C TYR B 103 15.90 4.67 15.39
N ARG B 104 15.80 3.97 14.25
CA ARG B 104 16.38 2.64 14.16
C ARG B 104 16.82 2.39 12.73
N THR B 105 17.97 1.73 12.58
CA THR B 105 18.51 1.36 11.28
C THR B 105 17.98 -0.03 10.93
N VAL B 106 17.32 -0.17 9.78
CA VAL B 106 16.72 -1.45 9.42
C VAL B 106 17.75 -2.32 8.71
N ARG B 107 17.48 -3.62 8.72
CA ARG B 107 18.37 -4.60 8.15
C ARG B 107 17.69 -5.28 6.98
N PRO B 108 18.45 -5.88 6.06
CA PRO B 108 17.84 -6.57 4.92
C PRO B 108 16.74 -7.53 5.36
N GLY B 109 15.62 -7.48 4.62
CA GLY B 109 14.48 -8.30 4.89
C GLY B 109 13.41 -7.66 5.77
N GLU B 110 13.72 -6.53 6.42
CA GLU B 110 12.78 -5.90 7.32
C GLU B 110 11.81 -5.01 6.54
N SER B 111 10.56 -4.99 6.99
CA SER B 111 9.55 -4.16 6.37
C SER B 111 9.42 -2.82 7.10
N PHE B 112 9.08 -1.79 6.33
CA PHE B 112 8.69 -0.51 6.91
C PHE B 112 7.76 0.21 5.93
N ASN B 113 7.43 1.44 6.26
CA ASN B 113 6.45 2.21 5.51
C ASN B 113 7.10 3.44 4.91
N ILE B 114 6.81 3.72 3.64
CA ILE B 114 7.24 4.95 3.01
C ILE B 114 6.06 5.92 2.94
N LEU B 115 6.28 7.15 3.38
CA LEU B 115 5.35 8.25 3.14
C LEU B 115 5.95 9.08 2.02
N ALA B 116 5.46 8.89 0.79
CA ALA B 116 6.02 9.57 -0.37
C ALA B 116 5.54 11.02 -0.36
N CYS B 117 6.48 11.97 -0.35
CA CYS B 117 6.19 13.38 -0.19
C CYS B 117 6.73 14.19 -1.37
N TYR B 118 6.00 15.25 -1.71
CA TYR B 118 6.42 16.19 -2.72
C TYR B 118 6.00 17.57 -2.25
N ASP B 119 6.92 18.54 -2.39
CA ASP B 119 6.64 19.92 -2.02
C ASP B 119 6.24 20.03 -0.55
N GLY B 120 6.79 19.18 0.31
CA GLY B 120 6.54 19.28 1.74
C GLY B 120 5.19 18.76 2.17
N ALA B 121 4.50 18.00 1.33
CA ALA B 121 3.20 17.44 1.65
C ALA B 121 3.17 15.97 1.28
N ALA B 122 2.55 15.16 2.14
CA ALA B 122 2.44 13.74 1.87
C ALA B 122 1.52 13.50 0.69
N ALA B 123 1.95 12.60 -0.20
CA ALA B 123 1.24 12.26 -1.42
C ALA B 123 0.74 10.82 -1.48
N GLY B 124 1.47 9.88 -0.89
CA GLY B 124 1.09 8.49 -0.95
C GLY B 124 1.78 7.74 0.17
N VAL B 125 1.26 6.56 0.49
CA VAL B 125 1.87 5.73 1.52
C VAL B 125 1.86 4.27 1.08
N TYR B 126 2.98 3.57 1.29
CA TYR B 126 3.02 2.17 0.87
C TYR B 126 4.08 1.42 1.69
N GLY B 127 3.87 0.11 1.86
CA GLY B 127 4.88 -0.70 2.57
C GLY B 127 6.00 -1.12 1.64
N VAL B 128 7.22 -1.22 2.19
CA VAL B 128 8.40 -1.64 1.45
C VAL B 128 9.18 -2.63 2.30
N ASN B 129 10.23 -3.19 1.69
CA ASN B 129 11.08 -4.17 2.35
C ASN B 129 12.51 -3.91 1.91
N MET B 130 13.39 -3.67 2.88
CA MET B 130 14.82 -3.55 2.59
C MET B 130 15.37 -4.83 1.97
N ARG B 131 15.96 -4.68 0.77
CA ARG B 131 16.56 -5.78 0.04
C ARG B 131 18.00 -6.03 0.47
N SER B 132 18.53 -7.15 -0.02
CA SER B 132 19.86 -7.57 0.37
C SER B 132 20.93 -6.62 -0.13
N ASN B 133 20.67 -5.88 -1.20
CA ASN B 133 21.61 -4.86 -1.68
C ASN B 133 21.28 -3.47 -1.15
N TYR B 134 20.49 -3.40 -0.07
CA TYR B 134 20.19 -2.16 0.64
C TYR B 134 19.49 -1.11 -0.25
N THR B 135 18.66 -1.57 -1.16
CA THR B 135 17.77 -0.73 -1.93
C THR B 135 16.31 -1.09 -1.60
N ILE B 136 15.38 -0.17 -1.85
CA ILE B 136 13.98 -0.53 -1.76
C ILE B 136 13.31 -0.43 -3.12
N ARG B 137 12.27 -1.24 -3.31
CA ARG B 137 11.47 -1.22 -4.54
C ARG B 137 10.37 -0.19 -4.32
N GLY B 138 10.65 1.05 -4.71
CA GLY B 138 9.72 2.11 -4.42
C GLY B 138 9.15 2.74 -5.67
N SER B 139 8.44 3.85 -5.48
CA SER B 139 7.97 4.69 -6.58
C SER B 139 8.24 6.12 -6.13
N PHE B 140 9.21 6.77 -6.78
CA PHE B 140 9.65 8.11 -6.42
C PHE B 140 10.04 8.85 -7.69
N ILE B 141 9.70 10.12 -7.78
CA ILE B 141 10.19 10.93 -8.89
C ILE B 141 10.90 12.16 -8.33
N ASN B 142 11.34 12.95 -9.19
CA ASN B 142 12.07 14.13 -8.71
C ASN B 142 11.28 14.86 -7.66
N GLY B 143 11.96 15.30 -6.62
CA GLY B 143 11.35 16.03 -5.53
C GLY B 143 10.94 15.20 -4.34
N ALA B 144 11.10 13.87 -4.41
CA ALA B 144 10.69 13.00 -3.31
C ALA B 144 11.76 12.85 -2.23
N ALA B 145 12.97 13.36 -2.46
CA ALA B 145 14.00 13.22 -1.45
C ALA B 145 13.52 13.83 -0.13
N GLY B 146 13.96 13.22 0.96
CA GLY B 146 13.47 13.59 2.27
C GLY B 146 12.20 12.87 2.68
N SER B 147 11.57 12.10 1.78
CA SER B 147 10.41 11.29 2.16
C SER B 147 10.80 10.28 3.24
N PRO B 148 10.05 10.19 4.34
CA PRO B 148 10.46 9.34 5.44
C PRO B 148 9.94 7.93 5.36
N GLY B 149 10.74 7.02 5.90
CA GLY B 149 10.32 5.65 6.16
C GLY B 149 10.21 5.45 7.65
N TYR B 150 9.19 4.69 8.07
CA TYR B 150 8.84 4.60 9.47
C TYR B 150 8.15 3.28 9.75
N ASN B 151 8.21 2.86 11.03
CA ASN B 151 7.30 1.88 11.61
C ASN B 151 6.67 2.47 12.86
N ILE B 152 5.49 1.93 13.20
CA ILE B 152 4.75 2.33 14.39
C ILE B 152 4.67 1.13 15.32
N ASN B 153 5.27 1.26 16.51
CA ASN B 153 5.24 0.20 17.51
C ASN B 153 4.72 0.77 18.81
N ASN B 154 3.48 0.39 19.15
CA ASN B 154 2.89 0.65 20.46
C ASN B 154 2.93 2.14 20.80
N GLY B 155 2.40 2.96 19.90
CA GLY B 155 2.32 4.39 20.10
C GLY B 155 3.55 5.18 19.67
N THR B 156 4.70 4.52 19.50
CA THR B 156 5.96 5.20 19.17
C THR B 156 6.28 5.06 17.69
N VAL B 157 6.65 6.17 17.04
CA VAL B 157 7.05 6.14 15.64
C VAL B 157 8.56 5.89 15.58
N GLU B 158 8.95 4.84 14.88
CA GLU B 158 10.36 4.49 14.70
C GLU B 158 10.77 4.92 13.29
N PHE B 159 11.59 5.97 13.19
CA PHE B 159 12.01 6.49 11.89
C PHE B 159 13.25 5.75 11.41
N CYS B 160 13.17 5.18 10.21
CA CYS B 160 14.29 4.39 9.73
C CYS B 160 14.85 4.80 8.40
N TYR B 161 14.29 5.81 7.74
CA TYR B 161 14.67 6.08 6.35
C TYR B 161 14.29 7.52 5.99
N LEU B 162 15.19 8.19 5.29
CA LEU B 162 14.90 9.44 4.58
C LEU B 162 15.37 9.24 3.15
N HIS B 163 14.48 9.44 2.19
CA HIS B 163 14.83 9.16 0.81
C HIS B 163 15.92 10.11 0.29
N GLN B 164 16.86 9.56 -0.51
CA GLN B 164 18.00 10.31 -1.04
C GLN B 164 18.09 10.27 -2.56
N LEU B 165 18.08 9.09 -3.18
CA LEU B 165 18.43 9.02 -4.60
C LEU B 165 17.92 7.75 -5.26
N GLU B 166 17.96 7.77 -6.59
CA GLU B 166 17.60 6.57 -7.36
C GLU B 166 18.85 6.04 -8.09
N LEU B 167 19.10 4.73 -8.01
CA LEU B 167 20.18 4.12 -8.81
C LEU B 167 19.51 3.69 -10.12
N SER B 169 16.72 2.63 -11.44
CA SER B 169 16.03 1.60 -12.26
C SER B 169 14.88 1.03 -11.41
N GLY B 170 14.12 1.91 -10.75
CA GLY B 170 13.14 1.44 -9.76
C GLY B 170 13.92 1.09 -8.50
N CYS B 171 15.26 1.30 -8.49
CA CYS B 171 16.12 1.03 -7.31
C CYS B 171 16.32 2.31 -6.49
N HIS B 172 15.81 2.31 -5.27
CA HIS B 172 15.83 3.54 -4.47
C HIS B 172 16.76 3.36 -3.27
N VAL B 173 17.38 4.46 -2.86
CA VAL B 173 18.37 4.44 -1.79
C VAL B 173 18.10 5.61 -0.87
N GLY B 174 18.23 5.40 0.45
CA GLY B 174 18.10 6.47 1.40
C GLY B 174 19.11 6.35 2.54
N SER B 175 19.02 7.27 3.48
CA SER B 175 19.88 7.17 4.65
C SER B 175 19.02 6.88 5.87
N ASP B 176 19.66 6.38 6.92
CA ASP B 176 18.95 6.30 8.19
C ASP B 176 18.99 7.70 8.81
N LEU B 177 18.36 7.86 9.98
CA LEU B 177 18.20 9.19 10.53
C LEU B 177 19.46 9.68 11.25
N ASP B 178 20.45 8.82 11.42
CA ASP B 178 21.78 9.26 11.83
C ASP B 178 22.63 9.73 10.66
N GLY B 179 22.11 9.63 9.44
CA GLY B 179 22.80 10.12 8.26
C GLY B 179 23.69 9.10 7.58
N VAL B 180 23.61 7.85 7.99
CA VAL B 180 24.35 6.76 7.37
C VAL B 180 23.57 6.25 6.15
N MET B 181 24.20 6.30 4.98
CA MET B 181 23.49 5.85 3.80
C MET B 181 23.37 4.33 3.82
N TYR B 182 22.17 3.81 3.59
CA TYR B 182 22.01 2.37 3.48
C TYR B 182 22.87 1.85 2.33
N GLY B 183 23.56 0.74 2.59
CA GLY B 183 24.38 0.09 1.59
C GLY B 183 25.70 0.78 1.30
N GLY B 184 25.96 1.91 1.93
CA GLY B 184 27.18 2.65 1.67
C GLY B 184 27.20 3.45 0.39
N TYR B 185 26.09 3.55 -0.34
CA TYR B 185 26.07 4.34 -1.57
C TYR B 185 26.32 5.82 -1.24
N GLU B 186 26.93 6.54 -2.18
CA GLU B 186 27.23 7.95 -1.94
C GLU B 186 26.03 8.82 -2.31
N ASP B 187 25.86 9.92 -1.56
CA ASP B 187 24.79 10.87 -1.85
C ASP B 187 25.29 11.94 -2.83
N GLN B 188 25.72 11.40 -3.98
CA GLN B 188 26.45 12.06 -5.07
C GLN B 188 25.90 11.47 -6.35
N PRO B 189 25.72 12.27 -7.40
CA PRO B 189 25.28 11.70 -8.70
C PRO B 189 26.45 11.08 -9.47
N THR B 190 26.95 9.96 -8.95
CA THR B 190 28.12 9.30 -9.54
C THR B 190 27.71 8.01 -10.25
N LEU B 191 28.68 7.44 -10.95
CA LEU B 191 28.51 6.10 -11.52
C LEU B 191 28.75 5.10 -10.40
N GLN B 192 27.67 4.75 -9.72
CA GLN B 192 27.65 3.63 -8.80
C GLN B 192 26.52 2.71 -9.24
N VAL B 193 26.75 1.41 -9.07
CA VAL B 193 25.76 0.39 -9.42
C VAL B 193 25.40 -0.39 -8.16
N GLU B 194 24.12 -0.76 -8.05
CA GLU B 194 23.69 -1.51 -6.90
C GLU B 194 24.26 -2.93 -6.95
N GLY B 195 24.52 -3.48 -5.77
CA GLY B 195 24.84 -4.88 -5.67
C GLY B 195 23.71 -5.74 -6.21
N ALA B 196 24.04 -7.01 -6.42
CA ALA B 196 23.09 -7.95 -6.98
C ALA B 196 21.90 -8.12 -6.06
N SER B 197 20.70 -7.95 -6.61
CA SER B 197 19.48 -8.18 -5.84
C SER B 197 19.22 -9.67 -5.75
N SER B 198 18.99 -10.16 -4.54
CA SER B 198 18.55 -11.54 -4.34
C SER B 198 17.24 -11.55 -3.55
N LEU B 199 16.44 -12.56 -3.84
CA LEU B 199 15.18 -12.74 -3.12
C LEU B 199 15.46 -13.11 -1.65
N PHE B 200 14.73 -12.47 -0.75
CA PHE B 200 14.93 -12.72 0.68
C PHE B 200 14.17 -13.98 1.09
N THR B 201 14.91 -15.09 1.26
CA THR B 201 14.28 -16.39 1.37
C THR B 201 13.37 -16.50 2.59
N GLU B 202 13.80 -15.97 3.74
CA GLU B 202 12.95 -16.08 4.92
C GLU B 202 11.59 -15.42 4.72
N ASN B 203 11.55 -14.34 3.94
CA ASN B 203 10.26 -13.73 3.60
C ASN B 203 9.48 -14.59 2.61
N VAL B 204 10.16 -15.24 1.65
CA VAL B 204 9.45 -16.19 0.78
C VAL B 204 8.80 -17.29 1.62
N LEU B 205 9.52 -17.78 2.64
CA LEU B 205 8.96 -18.82 3.50
C LEU B 205 7.71 -18.32 4.24
N ALA B 206 7.76 -17.07 4.72
CA ALA B 206 6.55 -16.52 5.35
C ALA B 206 5.40 -16.48 4.35
N PHE B 207 5.68 -16.05 3.13
CA PHE B 207 4.66 -15.95 2.11
C PHE B 207 4.05 -17.31 1.80
N LEU B 208 4.88 -18.34 1.66
CA LEU B 208 4.35 -19.67 1.34
C LEU B 208 3.53 -20.25 2.49
N TYR B 209 3.91 -19.98 3.74
CA TYR B 209 3.04 -20.36 4.85
C TYR B 209 1.73 -19.60 4.79
N ALA B 210 1.77 -18.32 4.42
CA ALA B 210 0.53 -17.56 4.27
C ALA B 210 -0.36 -18.18 3.20
N ALA B 211 0.26 -18.61 2.09
CA ALA B 211 -0.49 -19.26 1.04
C ALA B 211 -1.11 -20.56 1.52
N LEU B 212 -0.35 -21.36 2.29
CA LEU B 212 -0.93 -22.58 2.86
C LEU B 212 -2.16 -22.26 3.71
N ILE B 213 -2.06 -21.24 4.56
CA ILE B 213 -3.16 -20.93 5.47
C ILE B 213 -4.38 -20.42 4.71
N ASN B 214 -4.18 -19.79 3.56
CA ASN B 214 -5.28 -19.31 2.74
C ASN B 214 -5.76 -20.35 1.74
N GLY B 215 -5.25 -21.58 1.83
CA GLY B 215 -5.76 -22.67 1.03
C GLY B 215 -5.05 -22.93 -0.27
N SER B 216 -3.88 -22.34 -0.51
CA SER B 216 -3.11 -22.56 -1.73
C SER B 216 -2.05 -23.62 -1.48
N THR B 217 -2.16 -24.76 -2.17
CA THR B 217 -1.27 -25.90 -1.96
C THR B 217 -0.71 -26.54 -3.24
N TRP B 218 -1.09 -26.06 -4.43
CA TRP B 218 -0.71 -26.76 -5.66
C TRP B 218 0.80 -26.87 -5.82
N TRP B 219 1.54 -25.93 -5.23
CA TRP B 219 2.99 -25.77 -5.38
C TRP B 219 3.80 -26.56 -4.37
N LEU B 220 3.13 -27.23 -3.43
CA LEU B 220 3.81 -27.83 -2.28
C LEU B 220 4.51 -29.11 -2.68
N SER B 221 5.83 -29.15 -2.52
CA SER B 221 6.61 -30.35 -2.80
C SER B 221 6.43 -31.38 -1.68
N SER B 222 6.56 -32.65 -2.07
CA SER B 222 6.60 -33.72 -1.09
C SER B 222 8.02 -34.09 -0.71
N SER B 223 9.01 -33.58 -1.44
CA SER B 223 10.40 -33.78 -1.12
C SER B 223 10.85 -32.73 -0.11
N ARG B 224 12.13 -32.78 0.25
CA ARG B 224 12.59 -32.11 1.46
C ARG B 224 14.08 -31.85 1.28
N ILE B 225 14.56 -30.67 1.71
CA ILE B 225 15.99 -30.34 1.64
C ILE B 225 16.41 -29.61 2.91
N ALA B 226 17.59 -29.97 3.43
CA ALA B 226 18.06 -29.39 4.67
C ALA B 226 18.51 -27.95 4.46
N VAL B 227 18.46 -27.17 5.54
CA VAL B 227 18.70 -25.74 5.45
C VAL B 227 20.07 -25.45 4.83
N ASP B 228 21.10 -26.15 5.31
CA ASP B 228 22.44 -25.80 4.88
C ASP B 228 22.70 -26.21 3.44
N ARG B 229 22.05 -27.28 2.94
CA ARG B 229 22.15 -27.60 1.52
C ARG B 229 21.42 -26.59 0.66
N PHE B 230 20.22 -26.20 1.07
CA PHE B 230 19.50 -25.16 0.34
C PHE B 230 20.37 -23.90 0.21
N ASN B 231 21.04 -23.50 1.30
CA ASN B 231 21.80 -22.27 1.30
C ASN B 231 22.94 -22.32 0.29
N GLU B 232 23.55 -23.49 0.14
CA GLU B 232 24.54 -23.66 -0.91
C GLU B 232 23.94 -23.37 -2.27
N TRP B 233 22.73 -23.86 -2.51
CA TRP B 233 22.06 -23.62 -3.78
C TRP B 233 21.60 -22.17 -3.90
N ALA B 234 21.21 -21.54 -2.79
CA ALA B 234 20.56 -20.23 -2.86
C ALA B 234 21.50 -19.17 -3.42
N VAL B 235 22.77 -19.20 -3.02
CA VAL B 235 23.72 -18.16 -3.45
C VAL B 235 24.18 -18.32 -4.88
N HIS B 236 23.84 -19.42 -5.56
CA HIS B 236 24.08 -19.53 -6.99
C HIS B 236 22.80 -19.36 -7.80
N ASN B 237 21.69 -18.97 -7.15
CA ASN B 237 20.38 -18.93 -7.79
C ASN B 237 19.58 -17.72 -7.33
N GLY B 238 20.26 -16.64 -6.93
CA GLY B 238 19.60 -15.38 -6.67
C GLY B 238 18.68 -15.35 -5.48
N MET B 239 19.01 -16.08 -4.41
CA MET B 239 18.22 -16.08 -3.18
C MET B 239 19.16 -16.03 -1.99
N THR B 240 18.68 -15.45 -0.90
CA THR B 240 19.52 -15.34 0.29
C THR B 240 19.47 -16.64 1.10
N THR B 241 20.42 -16.72 2.02
CA THR B 241 20.51 -17.89 2.90
C THR B 241 19.50 -17.80 4.01
N VAL B 242 19.09 -18.95 4.51
CA VAL B 242 18.16 -19.00 5.67
C VAL B 242 19.03 -19.16 6.92
N VAL B 243 18.83 -18.28 7.89
CA VAL B 243 19.64 -18.31 9.14
C VAL B 243 18.70 -18.45 10.35
N ASN B 244 17.51 -17.87 10.33
CA ASN B 244 16.56 -18.15 11.44
C ASN B 244 15.40 -19.02 10.95
N THR B 245 15.00 -19.99 11.77
CA THR B 245 13.88 -20.89 11.42
C THR B 245 12.93 -21.01 12.62
N ASP B 246 13.40 -20.65 13.82
CA ASP B 246 12.53 -20.68 15.04
C ASP B 246 11.24 -19.89 14.83
N CYS B 247 11.31 -18.79 14.07
CA CYS B 247 10.09 -18.00 13.75
C CYS B 247 9.04 -18.82 12.98
N PHE B 248 9.42 -19.95 12.40
CA PHE B 248 8.44 -20.70 11.55
C PHE B 248 7.75 -21.80 12.36
N SER B 249 8.20 -22.02 13.58
CA SER B 249 7.64 -23.13 14.40
C SER B 249 6.12 -23.02 14.53
N ILE B 250 5.60 -21.82 14.80
CA ILE B 250 4.11 -21.63 14.89
C ILE B 250 3.45 -22.05 13.57
N PHE B 251 4.00 -21.57 12.46
CA PHE B 251 3.43 -21.90 11.13
C PHE B 251 3.49 -23.41 10.87
N ALA B 252 4.65 -24.02 11.11
CA ALA B 252 4.75 -25.46 10.86
C ALA B 252 3.73 -26.22 11.69
N ALA B 253 3.44 -25.74 12.90
CA ALA B 253 2.45 -26.40 13.76
C ALA B 253 1.02 -26.18 13.25
N LYS B 254 0.69 -24.96 12.82
CA LYS B 254 -0.66 -24.72 12.31
C LYS B 254 -0.90 -25.42 10.98
N THR B 255 0.12 -25.56 10.13
CA THR B 255 -0.09 -26.11 8.79
C THR B 255 0.34 -27.56 8.66
N GLY B 256 1.15 -28.07 9.58
CA GLY B 256 1.68 -29.41 9.41
C GLY B 256 2.77 -29.56 8.38
N VAL B 257 3.33 -28.45 7.89
CA VAL B 257 4.37 -28.46 6.86
C VAL B 257 5.63 -27.84 7.43
N ASP B 258 6.74 -28.55 7.36
CA ASP B 258 7.95 -28.01 7.91
C ASP B 258 8.76 -27.23 6.87
N VAL B 259 9.73 -26.47 7.37
CA VAL B 259 10.53 -25.59 6.52
C VAL B 259 11.21 -26.36 5.40
N GLN B 260 11.65 -27.59 5.68
CA GLN B 260 12.43 -28.31 4.68
C GLN B 260 11.59 -28.65 3.44
N ARG B 261 10.27 -28.89 3.60
CA ARG B 261 9.42 -29.08 2.43
C ARG B 261 9.22 -27.76 1.69
N LEU B 262 9.09 -26.66 2.42
CA LEU B 262 8.95 -25.37 1.76
C LEU B 262 10.19 -25.03 0.94
N LEU B 263 11.38 -25.35 1.47
CA LEU B 263 12.62 -25.06 0.75
C LEU B 263 12.69 -25.84 -0.55
N ALA B 264 12.31 -27.12 -0.50
CA ALA B 264 12.25 -27.93 -1.70
C ALA B 264 11.24 -27.37 -2.69
N SER B 265 10.09 -26.88 -2.19
CA SER B 265 9.10 -26.25 -3.06
C SER B 265 9.68 -25.03 -3.75
N ILE B 266 10.48 -24.24 -3.02
CA ILE B 266 11.09 -23.06 -3.60
C ILE B 266 12.02 -23.44 -4.75
N GLN B 267 12.81 -24.51 -4.59
CA GLN B 267 13.67 -24.93 -5.69
C GLN B 267 12.84 -25.32 -6.92
N SER B 268 11.71 -25.99 -6.70
CA SER B 268 10.89 -26.40 -7.84
C SER B 268 10.17 -25.22 -8.48
N LEU B 269 9.78 -24.22 -7.68
CA LEU B 269 9.16 -23.02 -8.24
C LEU B 269 10.14 -22.24 -9.10
N HIS B 270 11.43 -22.29 -8.75
CA HIS B 270 12.45 -21.54 -9.47
C HIS B 270 12.69 -22.12 -10.87
N LYS B 271 12.06 -23.26 -11.19
CA LYS B 271 12.28 -23.98 -12.48
C LYS B 271 11.07 -23.88 -13.43
N ASN B 272 9.85 -23.73 -12.92
CA ASN B 272 8.69 -23.46 -13.80
C ASN B 272 8.28 -22.05 -13.38
N PHE B 273 9.25 -21.14 -13.34
CA PHE B 273 8.99 -19.79 -12.79
C PHE B 273 8.05 -18.97 -13.66
N GLY B 274 6.87 -18.68 -13.14
CA GLY B 274 5.88 -17.86 -13.88
C GLY B 274 4.73 -18.71 -14.38
N GLY B 275 4.83 -20.02 -14.21
CA GLY B 275 3.79 -20.89 -14.78
C GLY B 275 2.44 -20.67 -14.12
N LYS B 276 2.46 -20.26 -12.85
CA LYS B 276 1.19 -20.12 -12.11
C LYS B 276 1.42 -19.20 -10.90
N GLN B 277 0.40 -18.45 -10.56
CA GLN B 277 0.54 -17.51 -9.45
C GLN B 277 0.24 -18.18 -8.10
N ILE B 278 0.68 -17.54 -7.03
CA ILE B 278 0.33 -17.96 -5.68
C ILE B 278 -0.42 -16.81 -5.00
N LEU B 279 -1.68 -17.07 -4.63
CA LEU B 279 -2.58 -16.03 -4.11
C LEU B 279 -2.62 -14.81 -5.01
N GLY B 280 -2.49 -15.02 -6.32
CA GLY B 280 -2.44 -13.88 -7.23
C GLY B 280 -1.12 -13.15 -7.27
N TYR B 281 -0.09 -13.65 -6.61
CA TYR B 281 1.24 -13.04 -6.61
C TYR B 281 2.23 -13.91 -7.38
N THR B 282 3.32 -13.28 -7.81
CA THR B 282 4.48 -14.05 -8.23
C THR B 282 4.80 -15.14 -7.22
N SER B 283 5.15 -16.32 -7.73
CA SER B 283 5.39 -17.49 -6.89
C SER B 283 6.37 -17.18 -5.77
N LEU B 284 7.42 -16.42 -6.07
CA LEU B 284 8.47 -16.20 -5.08
C LEU B 284 8.52 -14.76 -4.55
N THR B 285 7.39 -14.20 -4.08
CA THR B 285 7.46 -12.85 -3.53
C THR B 285 8.09 -12.86 -2.14
N ASP B 286 8.95 -11.87 -1.90
CA ASP B 286 9.74 -11.80 -0.67
C ASP B 286 9.48 -10.52 0.10
N GLU B 287 8.34 -9.88 -0.15
CA GLU B 287 8.09 -8.60 0.49
C GLU B 287 7.33 -8.71 1.80
N PHE B 288 6.89 -9.92 2.18
CA PHE B 288 6.14 -10.15 3.42
C PHE B 288 7.01 -10.82 4.47
N THR B 289 7.01 -10.28 5.68
CA THR B 289 7.74 -10.86 6.80
C THR B 289 6.84 -11.80 7.59
N THR B 290 7.43 -12.64 8.45
CA THR B 290 6.58 -13.46 9.31
C THR B 290 5.70 -12.59 10.20
N GLY B 291 6.23 -11.46 10.68
CA GLY B 291 5.42 -10.57 11.50
C GLY B 291 4.21 -10.03 10.75
N GLU B 292 4.41 -9.61 9.51
CA GLU B 292 3.29 -9.13 8.69
C GLU B 292 2.24 -10.21 8.49
N VAL B 293 2.69 -11.44 8.20
CA VAL B 293 1.76 -12.52 7.91
C VAL B 293 0.93 -12.85 9.15
N ILE B 294 1.57 -12.91 10.32
CA ILE B 294 0.82 -13.24 11.54
C ILE B 294 -0.27 -12.21 11.80
N ARG B 295 0.03 -10.92 11.62
CA ARG B 295 -0.97 -9.88 11.84
C ARG B 295 -2.15 -10.05 10.89
N GLN B 296 -1.87 -10.26 9.60
CA GLN B 296 -2.97 -10.33 8.65
C GLN B 296 -3.74 -11.63 8.78
N MET B 297 -3.09 -12.70 9.19
CA MET B 297 -3.78 -13.98 9.30
C MET B 297 -4.61 -14.02 10.58
N TYR B 298 -4.03 -13.55 11.70
CA TYR B 298 -4.56 -13.80 13.03
C TYR B 298 -4.78 -12.56 13.89
N GLY B 299 -4.41 -11.37 13.42
CA GLY B 299 -4.60 -10.16 14.21
C GLY B 299 -3.66 -10.02 15.38
N VAL B 300 -2.57 -10.79 15.42
CA VAL B 300 -1.67 -10.86 16.56
C VAL B 300 -0.30 -10.23 16.21
N ARG C 2 -20.21 -19.46 0.31
CA ARG C 2 -20.82 -19.22 1.62
C ARG C 2 -20.34 -17.89 2.23
N SER C 3 -21.27 -16.94 2.39
CA SER C 3 -20.94 -15.61 2.87
C SER C 3 -20.54 -15.63 4.34
N ILE C 4 -19.51 -14.85 4.68
CA ILE C 4 -19.04 -14.67 6.05
C ILE C 4 -19.13 -13.19 6.38
N MET C 5 -20.03 -12.82 7.28
CA MET C 5 -20.02 -11.45 7.79
C MET C 5 -18.78 -11.21 8.66
N GLN C 6 -18.13 -10.07 8.45
CA GLN C 6 -16.90 -9.79 9.18
C GLN C 6 -17.13 -8.64 10.16
N ARG D 2 23.66 7.90 -8.30
CA ARG D 2 23.52 8.31 -9.70
C ARG D 2 22.51 9.43 -9.96
N SER D 3 21.23 9.26 -9.62
CA SER D 3 20.25 10.33 -9.80
C SER D 3 19.66 10.77 -8.45
N ILE D 4 20.05 11.96 -8.00
CA ILE D 4 19.50 12.48 -6.72
C ILE D 4 18.05 12.97 -6.94
N MET D 5 17.15 12.77 -5.97
CA MET D 5 15.71 13.13 -6.18
C MET D 5 15.37 14.29 -5.26
N GLN D 6 16.25 15.28 -5.21
CA GLN D 6 16.20 16.31 -4.18
C GLN D 6 15.33 17.52 -4.59
#